data_9BVC
#
_entry.id   9BVC
#
_cell.length_a   76.743
_cell.length_b   101.705
_cell.length_c   127.317
_cell.angle_alpha   90.00
_cell.angle_beta   90.00
_cell.angle_gamma   90.00
#
_symmetry.space_group_name_H-M   'I 2 2 2'
#
loop_
_entity.id
_entity.type
_entity.pdbx_description
1 polymer 'Cytochrome P450 3A4'
2 non-polymer 'PROTOPORPHYRIN IX CONTAINING FE'
3 non-polymer "N-(2-chlorophenyl)-N-[(3-hydroxyphenyl)methyl]-N'-[(2P)-2-(1H-imidazol-1-yl)-5-(trifluoromethyl)phenyl]urea"
4 water water
#
_entity_poly.entity_id   1
_entity_poly.type   'polypeptide(L)'
_entity_poly.pdbx_seq_one_letter_code
;MALYGTHSHGLFKKLGIPGPTPLPFLGNILSYHKGFCMFDMECHKKYGKVWGFYDGQQPVLAITDPDMIKTVLVKECYSV
FTNRRPFGPVGFMKSAISIAEDEEWKRLRSLLSPTFTSGKLKEMVPIIAQYGDVLVRNLRREAETGKPVTLKDVFGAYSM
DVITSTSFGVNIDSLNNPQDPFVENTKKLLRFDFLDPFFLSITVFPFLIPILEVLNICVFPREVTNFLRKSVKRMKESRL
EDTQKHRVDFLQLMIDSQNSKETESHKALSDLELVAQSIIFIFAGYETTSSVLSFIMYELATHPDVQQKLQEEIDAVLPN
KAPPTYDTVLQMEYLDMVVNETLRLFPIAMRLERVCKKDVEINGMFIPKGVVVMIPSYALHRDPKYWTEPEKFLPERFSK
KNKDNIDPYIYTPFGSGPRNCIGMRFALMNMKLALIRVLQNFSFKPCKETQIPLKLSLGGLLQPEKPVVLKVESRDGTVS
GAHHHH
;
_entity_poly.pdbx_strand_id   A
#
loop_
_chem_comp.id
_chem_comp.type
_chem_comp.name
_chem_comp.formula
A1ASO non-polymer N-(2-chlorophenyl)-N-[(3-hydroxyphenyl)methyl]-N'-[(2P)-2-(1H-imidazol-1-yl)-5-(trifluoromethyl)phenyl]urea 'C24 H18 Cl F3 N4 O2'
HEM non-polymer 'PROTOPORPHYRIN IX CONTAINING FE' 'C34 H32 Fe N4 O4'
#
# COMPACT_ATOMS: atom_id res chain seq x y z
N THR A 6 -27.48 4.17 19.70
CA THR A 6 -27.94 5.54 19.51
C THR A 6 -28.87 5.60 18.29
N HIS A 7 -29.23 6.83 17.89
CA HIS A 7 -30.16 7.03 16.78
C HIS A 7 -29.62 6.53 15.45
N SER A 8 -28.31 6.32 15.33
CA SER A 8 -27.73 5.78 14.12
C SER A 8 -27.31 4.32 14.27
N HIS A 9 -27.49 3.73 15.45
CA HIS A 9 -27.04 2.38 15.73
C HIS A 9 -28.11 1.32 15.47
N GLY A 10 -29.33 1.72 15.15
CA GLY A 10 -30.38 0.77 14.81
C GLY A 10 -30.47 0.42 13.35
N LEU A 11 -29.56 0.92 12.52
CA LEU A 11 -29.67 0.75 11.08
C LEU A 11 -29.54 -0.71 10.67
N PHE A 12 -28.50 -1.39 11.16
CA PHE A 12 -28.28 -2.77 10.75
C PHE A 12 -29.29 -3.73 11.36
N LYS A 13 -29.95 -3.34 12.46
CA LYS A 13 -31.01 -4.17 13.01
C LYS A 13 -32.24 -4.16 12.11
N LYS A 14 -32.61 -2.99 11.59
CA LYS A 14 -33.77 -2.90 10.71
C LYS A 14 -33.56 -3.68 9.41
N LEU A 15 -32.37 -3.60 8.83
CA LEU A 15 -32.08 -4.33 7.60
C LEU A 15 -31.90 -5.82 7.83
N GLY A 16 -31.90 -6.27 9.07
CA GLY A 16 -31.71 -7.67 9.38
C GLY A 16 -30.33 -8.20 9.05
N ILE A 17 -29.30 -7.43 9.38
CA ILE A 17 -27.91 -7.78 9.10
C ILE A 17 -27.24 -8.14 10.42
N PRO A 18 -26.62 -9.32 10.53
CA PRO A 18 -25.96 -9.69 11.79
C PRO A 18 -24.71 -8.85 12.03
N GLY A 19 -24.35 -8.74 13.31
CA GLY A 19 -23.17 -8.03 13.71
C GLY A 19 -23.04 -7.91 15.22
N PRO A 20 -21.84 -7.57 15.69
CA PRO A 20 -21.67 -7.35 17.14
C PRO A 20 -22.50 -6.16 17.62
N THR A 21 -23.04 -6.31 18.81
CA THR A 21 -23.90 -5.26 19.38
C THR A 21 -23.06 -4.04 19.74
N PRO A 22 -23.37 -2.87 19.21
CA PRO A 22 -22.57 -1.68 19.50
C PRO A 22 -22.94 -1.04 20.83
N LEU A 23 -21.99 -0.23 21.34
CA LEU A 23 -22.12 0.57 22.54
C LEU A 23 -22.37 2.03 22.19
N PRO A 24 -23.07 2.77 23.05
CA PRO A 24 -23.35 4.19 22.74
C PRO A 24 -22.07 4.99 22.57
N PHE A 25 -22.09 5.90 21.60
CA PHE A 25 -21.00 6.85 21.35
C PHE A 25 -19.72 6.19 20.87
N LEU A 26 -19.66 4.86 20.87
CA LEU A 26 -18.38 4.19 20.64
C LEU A 26 -18.50 3.13 19.56
N GLY A 27 -19.71 2.61 19.37
CA GLY A 27 -19.89 1.54 18.41
C GLY A 27 -19.11 0.31 18.84
N ASN A 28 -18.36 -0.26 17.90
CA ASN A 28 -17.61 -1.49 18.13
C ASN A 28 -16.11 -1.26 18.19
N ILE A 29 -15.67 -0.01 18.40
CA ILE A 29 -14.25 0.28 18.37
C ILE A 29 -13.50 -0.42 19.50
N LEU A 30 -14.18 -0.83 20.57
CA LEU A 30 -13.49 -1.57 21.61
C LEU A 30 -13.06 -2.94 21.12
N SER A 31 -13.75 -3.48 20.11
CA SER A 31 -13.35 -4.74 19.51
C SER A 31 -12.08 -4.62 18.66
N TYR A 32 -11.59 -3.40 18.42
CA TYR A 32 -10.32 -3.18 17.74
C TYR A 32 -9.10 -3.45 18.62
N HIS A 33 -9.28 -3.94 19.85
CA HIS A 33 -8.14 -4.23 20.70
C HIS A 33 -7.29 -5.37 20.16
N LYS A 34 -7.87 -6.24 19.33
CA LYS A 34 -7.11 -7.29 18.68
C LYS A 34 -6.52 -6.86 17.34
N GLY A 35 -6.89 -5.68 16.84
CA GLY A 35 -6.44 -5.17 15.56
C GLY A 35 -7.50 -5.35 14.48
N PHE A 36 -7.30 -4.62 13.37
CA PHE A 36 -8.24 -4.70 12.25
C PHE A 36 -8.35 -6.11 11.71
N CYS A 37 -7.22 -6.81 11.58
CA CYS A 37 -7.21 -8.13 10.97
C CYS A 37 -7.96 -9.14 11.82
N MET A 38 -7.64 -9.20 13.12
CA MET A 38 -8.28 -10.19 13.98
C MET A 38 -9.78 -9.92 14.11
N PHE A 39 -10.16 -8.64 14.19
CA PHE A 39 -11.58 -8.29 14.28
C PHE A 39 -12.33 -8.71 13.03
N ASP A 40 -11.73 -8.49 11.86
CA ASP A 40 -12.39 -8.84 10.60
C ASP A 40 -12.53 -10.35 10.42
N MET A 41 -11.48 -11.11 10.73
CA MET A 41 -11.56 -12.56 10.63
C MET A 41 -12.57 -13.13 11.63
N GLU A 42 -12.62 -12.56 12.83
CA GLU A 42 -13.56 -13.02 13.84
C GLU A 42 -15.00 -12.84 13.37
N CYS A 43 -15.34 -11.64 12.87
CA CYS A 43 -16.70 -11.40 12.42
C CYS A 43 -17.05 -12.26 11.22
N HIS A 44 -16.07 -12.57 10.38
CA HIS A 44 -16.31 -13.46 9.25
C HIS A 44 -16.71 -14.85 9.74
N LYS A 45 -16.03 -15.35 10.78
CA LYS A 45 -16.37 -16.67 11.30
C LYS A 45 -17.73 -16.68 11.99
N LYS A 46 -18.03 -15.64 12.76
CA LYS A 46 -19.22 -15.64 13.60
C LYS A 46 -20.47 -15.12 12.91
N TYR A 47 -20.38 -14.59 11.70
CA TYR A 47 -21.54 -14.00 11.04
C TYR A 47 -21.73 -14.43 9.59
N GLY A 48 -20.75 -15.05 8.96
CA GLY A 48 -20.92 -15.59 7.63
C GLY A 48 -20.33 -14.69 6.55
N LYS A 49 -21.15 -14.34 5.56
CA LYS A 49 -20.69 -13.65 4.36
C LYS A 49 -20.96 -12.16 4.37
N VAL A 50 -21.95 -11.70 5.12
CA VAL A 50 -22.25 -10.27 5.23
C VAL A 50 -22.52 -9.95 6.69
N TRP A 51 -21.89 -8.90 7.21
CA TRP A 51 -22.16 -8.44 8.56
C TRP A 51 -21.98 -6.92 8.61
N GLY A 52 -22.17 -6.36 9.79
CA GLY A 52 -22.14 -4.91 9.95
C GLY A 52 -21.68 -4.53 11.35
N PHE A 53 -21.09 -3.34 11.44
CA PHE A 53 -20.61 -2.80 12.70
C PHE A 53 -20.57 -1.28 12.57
N TYR A 54 -20.18 -0.61 13.65
CA TYR A 54 -20.21 0.85 13.72
C TYR A 54 -18.87 1.37 14.18
N ASP A 55 -18.26 2.26 13.39
CA ASP A 55 -17.09 3.01 13.84
C ASP A 55 -17.60 4.30 14.45
N GLY A 56 -17.93 4.25 15.74
CA GLY A 56 -18.61 5.34 16.39
C GLY A 56 -20.07 5.40 15.98
N GLN A 57 -20.47 6.47 15.31
CA GLN A 57 -21.81 6.58 14.73
C GLN A 57 -21.85 6.19 13.25
N GLN A 58 -20.71 5.87 12.65
CA GLN A 58 -20.66 5.55 11.23
C GLN A 58 -20.95 4.08 11.01
N PRO A 59 -22.01 3.71 10.29
CA PRO A 59 -22.25 2.30 10.00
C PRO A 59 -21.36 1.80 8.88
N VAL A 60 -20.86 0.58 9.04
CA VAL A 60 -19.98 -0.05 8.06
C VAL A 60 -20.52 -1.44 7.74
N LEU A 61 -20.68 -1.74 6.45
CA LEU A 61 -21.15 -3.04 6.00
C LEU A 61 -20.01 -3.79 5.32
N ALA A 62 -19.73 -5.00 5.81
CA ALA A 62 -18.69 -5.85 5.24
C ALA A 62 -19.31 -6.84 4.27
N ILE A 63 -18.71 -6.98 3.09
CA ILE A 63 -19.20 -7.88 2.05
C ILE A 63 -18.07 -8.80 1.62
N THR A 64 -18.38 -10.08 1.43
CA THR A 64 -17.40 -11.06 1.01
C THR A 64 -17.80 -11.81 -0.24
N ASP A 65 -19.00 -11.60 -0.77
CA ASP A 65 -19.40 -12.28 -2.00
C ASP A 65 -18.63 -11.70 -3.18
N PRO A 66 -17.97 -12.55 -3.99
CA PRO A 66 -17.21 -12.02 -5.14
C PRO A 66 -18.03 -11.20 -6.11
N ASP A 67 -19.30 -11.56 -6.33
CA ASP A 67 -20.14 -10.77 -7.22
C ASP A 67 -20.45 -9.39 -6.62
N MET A 68 -20.73 -9.33 -5.32
CA MET A 68 -20.97 -8.05 -4.67
C MET A 68 -19.73 -7.17 -4.70
N ILE A 69 -18.55 -7.76 -4.46
CA ILE A 69 -17.31 -7.00 -4.48
C ILE A 69 -17.07 -6.40 -5.86
N LYS A 70 -17.34 -7.19 -6.91
CA LYS A 70 -17.19 -6.68 -8.27
C LYS A 70 -18.17 -5.54 -8.57
N THR A 71 -19.41 -5.67 -8.10
CA THR A 71 -20.40 -4.61 -8.30
C THR A 71 -19.96 -3.32 -7.62
N VAL A 72 -19.45 -3.41 -6.39
CA VAL A 72 -19.06 -2.21 -5.65
C VAL A 72 -17.81 -1.59 -6.27
N LEU A 73 -16.81 -2.41 -6.59
CA LEU A 73 -15.53 -1.86 -7.03
C LEU A 73 -15.50 -1.50 -8.50
N VAL A 74 -16.25 -2.21 -9.35
CA VAL A 74 -16.10 -2.05 -10.79
C VAL A 74 -17.40 -1.59 -11.45
N LYS A 75 -18.46 -2.40 -11.35
CA LYS A 75 -19.68 -2.14 -12.10
C LYS A 75 -20.33 -0.82 -11.68
N GLU A 76 -20.79 -0.72 -10.44
CA GLU A 76 -21.47 0.47 -9.96
C GLU A 76 -20.49 1.38 -9.20
N CYS A 77 -19.40 1.73 -9.87
CA CYS A 77 -18.35 2.53 -9.23
C CYS A 77 -18.55 4.02 -9.45
N TYR A 78 -18.66 4.46 -10.71
CA TYR A 78 -18.87 5.87 -10.98
C TYR A 78 -20.21 6.36 -10.47
N SER A 79 -21.18 5.46 -10.29
CA SER A 79 -22.54 5.85 -9.95
C SER A 79 -22.79 5.87 -8.45
N VAL A 80 -22.35 4.84 -7.74
CA VAL A 80 -22.69 4.70 -6.32
C VAL A 80 -21.44 4.70 -5.45
N PHE A 81 -20.58 3.71 -5.65
CA PHE A 81 -19.41 3.51 -4.79
C PHE A 81 -18.20 4.15 -5.46
N THR A 82 -18.08 5.46 -5.29
CA THR A 82 -17.08 6.27 -5.98
C THR A 82 -15.96 6.76 -5.06
N ASN A 83 -16.27 7.10 -3.82
CA ASN A 83 -15.30 7.73 -2.93
C ASN A 83 -15.06 6.88 -1.69
N ARG A 84 -13.98 7.22 -0.98
CA ARG A 84 -13.62 6.56 0.26
C ARG A 84 -14.08 7.41 1.45
N ARG A 85 -14.02 6.82 2.62
CA ARG A 85 -14.40 7.54 3.82
C ARG A 85 -13.38 8.63 4.13
N PRO A 86 -13.81 9.86 4.42
CA PRO A 86 -12.86 10.88 4.87
C PRO A 86 -12.20 10.46 6.17
N PHE A 87 -10.91 10.75 6.29
CA PHE A 87 -10.11 10.20 7.38
C PHE A 87 -9.52 11.25 8.31
N GLY A 88 -9.79 12.54 8.09
CA GLY A 88 -9.32 13.56 8.98
C GLY A 88 -9.05 14.88 8.30
N PRO A 89 -8.46 15.82 9.04
CA PRO A 89 -8.14 17.15 8.47
C PRO A 89 -7.03 17.03 7.44
N VAL A 90 -7.36 17.38 6.18
CA VAL A 90 -6.46 17.14 5.07
C VAL A 90 -5.76 18.44 4.65
N GLY A 91 -6.44 19.57 4.79
CA GLY A 91 -5.85 20.83 4.37
C GLY A 91 -5.83 20.96 2.86
N PHE A 92 -4.75 21.56 2.34
CA PHE A 92 -4.62 21.73 0.89
C PHE A 92 -4.50 20.39 0.16
N MET A 93 -4.14 19.33 0.87
CA MET A 93 -4.01 17.99 0.30
C MET A 93 -5.34 17.35 -0.07
N LYS A 94 -6.46 18.09 0.02
CA LYS A 94 -7.73 17.55 -0.47
C LYS A 94 -7.70 17.30 -1.96
N SER A 95 -6.76 17.92 -2.69
CA SER A 95 -6.63 17.72 -4.13
C SER A 95 -5.83 16.47 -4.48
N ALA A 96 -5.26 15.77 -3.49
CA ALA A 96 -4.54 14.54 -3.77
C ALA A 96 -5.50 13.50 -4.35
N ILE A 97 -4.97 12.69 -5.29
CA ILE A 97 -5.82 11.77 -6.05
C ILE A 97 -6.49 10.76 -5.14
N SER A 98 -5.77 10.28 -4.12
CA SER A 98 -6.34 9.32 -3.17
C SER A 98 -7.36 9.95 -2.23
N ILE A 99 -7.41 11.28 -2.14
CA ILE A 99 -8.35 11.96 -1.27
C ILE A 99 -9.45 12.70 -2.03
N ALA A 100 -9.26 12.98 -3.31
CA ALA A 100 -10.25 13.71 -4.09
C ALA A 100 -11.54 12.88 -4.23
N GLU A 101 -12.63 13.58 -4.52
CA GLU A 101 -13.93 12.94 -4.56
C GLU A 101 -14.70 13.33 -5.82
N ASP A 102 -15.42 12.35 -6.39
CA ASP A 102 -16.42 12.55 -7.43
C ASP A 102 -15.76 13.18 -8.66
N GLU A 103 -16.25 14.30 -9.19
CA GLU A 103 -15.79 14.80 -10.48
C GLU A 103 -14.31 15.18 -10.44
N GLU A 104 -13.85 15.72 -9.31
CA GLU A 104 -12.44 16.09 -9.20
C GLU A 104 -11.54 14.87 -9.32
N TRP A 105 -11.95 13.74 -8.75
CA TRP A 105 -11.15 12.53 -8.85
C TRP A 105 -11.07 12.03 -10.29
N LYS A 106 -12.20 12.01 -11.01
CA LYS A 106 -12.19 11.56 -12.39
C LYS A 106 -11.29 12.44 -13.24
N ARG A 107 -11.27 13.74 -12.97
CA ARG A 107 -10.39 14.64 -13.70
C ARG A 107 -8.93 14.36 -13.38
N LEU A 108 -8.59 14.28 -12.08
CA LEU A 108 -7.19 14.07 -11.69
C LEU A 108 -6.67 12.72 -12.15
N ARG A 109 -7.50 11.67 -12.09
CA ARG A 109 -7.07 10.37 -12.56
C ARG A 109 -6.82 10.39 -14.07
N SER A 110 -7.64 11.12 -14.82
CA SER A 110 -7.38 11.28 -16.25
C SER A 110 -6.08 12.03 -16.48
N LEU A 111 -5.84 13.10 -15.73
CA LEU A 111 -4.63 13.89 -15.90
C LEU A 111 -3.37 13.15 -15.44
N LEU A 112 -3.51 12.02 -14.75
CA LEU A 112 -2.38 11.32 -14.18
C LEU A 112 -2.22 9.88 -14.67
N SER A 113 -3.20 9.34 -15.39
CA SER A 113 -3.10 7.96 -15.87
C SER A 113 -1.91 7.73 -16.79
N PRO A 114 -1.62 8.57 -17.79
CA PRO A 114 -0.47 8.30 -18.66
C PRO A 114 0.87 8.31 -17.93
N THR A 115 0.94 8.90 -16.74
CA THR A 115 2.19 8.88 -15.99
C THR A 115 2.58 7.46 -15.59
N PHE A 116 1.61 6.56 -15.45
CA PHE A 116 1.83 5.20 -15.00
C PHE A 116 1.59 4.19 -16.11
N THR A 117 1.99 4.55 -17.33
CA THR A 117 1.91 3.66 -18.48
C THR A 117 3.11 2.72 -18.49
N SER A 118 2.89 1.50 -18.97
CA SER A 118 3.98 0.53 -19.08
C SER A 118 5.14 1.11 -19.89
N GLY A 119 4.85 1.93 -20.89
CA GLY A 119 5.93 2.55 -21.66
C GLY A 119 6.76 3.48 -20.81
N LYS A 120 6.11 4.32 -20.01
CA LYS A 120 6.84 5.23 -19.12
C LYS A 120 7.55 4.47 -18.01
N LEU A 121 6.98 3.35 -17.57
CA LEU A 121 7.66 2.53 -16.56
C LEU A 121 8.93 1.91 -17.12
N LYS A 122 8.89 1.43 -18.37
CA LYS A 122 10.09 0.88 -18.99
C LYS A 122 11.18 1.93 -19.06
N GLU A 123 10.80 3.19 -19.29
CA GLU A 123 11.78 4.28 -19.32
C GLU A 123 12.26 4.67 -17.93
N MET A 124 11.59 4.22 -16.87
CA MET A 124 12.03 4.47 -15.50
C MET A 124 12.93 3.37 -14.93
N VAL A 125 13.01 2.22 -15.61
CA VAL A 125 13.77 1.09 -15.06
C VAL A 125 15.24 1.42 -14.85
N PRO A 126 15.96 2.03 -15.81
CA PRO A 126 17.40 2.30 -15.56
C PRO A 126 17.65 3.18 -14.36
N ILE A 127 16.79 4.17 -14.08
CA ILE A 127 17.00 5.06 -12.94
C ILE A 127 16.81 4.29 -11.64
N ILE A 128 15.77 3.47 -11.56
CA ILE A 128 15.51 2.69 -10.34
C ILE A 128 16.59 1.64 -10.15
N ALA A 129 17.07 1.04 -11.23
CA ALA A 129 18.11 0.01 -11.13
C ALA A 129 19.42 0.58 -10.61
N GLN A 130 19.65 1.89 -10.80
CA GLN A 130 20.90 2.49 -10.36
C GLN A 130 21.08 2.40 -8.86
N TYR A 131 19.97 2.49 -8.10
CA TYR A 131 20.02 2.39 -6.65
C TYR A 131 19.87 0.97 -6.15
N GLY A 132 19.57 0.02 -7.05
CA GLY A 132 19.74 -1.38 -6.71
C GLY A 132 21.20 -1.72 -6.47
N ASP A 133 22.09 -1.17 -7.30
CA ASP A 133 23.52 -1.30 -7.05
C ASP A 133 23.94 -0.59 -5.77
N VAL A 134 23.33 0.57 -5.49
CA VAL A 134 23.62 1.28 -4.25
C VAL A 134 23.20 0.45 -3.05
N LEU A 135 22.04 -0.21 -3.13
CA LEU A 135 21.57 -1.05 -2.04
C LEU A 135 22.54 -2.20 -1.78
N VAL A 136 23.04 -2.84 -2.83
CA VAL A 136 23.97 -3.95 -2.68
C VAL A 136 25.26 -3.47 -2.02
N ARG A 137 25.76 -2.31 -2.43
CA ARG A 137 27.00 -1.78 -1.85
C ARG A 137 26.85 -1.53 -0.35
N ASN A 138 25.74 -0.92 0.07
CA ASN A 138 25.49 -0.69 1.49
C ASN A 138 25.06 -1.96 2.22
N LEU A 139 24.59 -2.98 1.49
CA LEU A 139 24.25 -4.25 2.12
C LEU A 139 25.48 -5.11 2.42
N ARG A 140 26.52 -5.01 1.58
CA ARG A 140 27.71 -5.82 1.81
C ARG A 140 28.44 -5.38 3.06
N ARG A 141 28.51 -4.08 3.32
CA ARG A 141 29.14 -3.59 4.54
C ARG A 141 28.42 -4.11 5.78
N GLU A 142 27.08 -4.13 5.74
CA GLU A 142 26.32 -4.68 6.86
C GLU A 142 26.53 -6.19 6.99
N ALA A 143 26.74 -6.89 5.87
CA ALA A 143 27.03 -8.32 5.93
C ALA A 143 28.39 -8.58 6.56
N GLU A 144 29.37 -7.72 6.28
CA GLU A 144 30.71 -7.91 6.83
C GLU A 144 30.77 -7.68 8.34
N THR A 145 29.78 -6.99 8.92
CA THR A 145 29.76 -6.75 10.35
C THR A 145 29.55 -8.03 11.16
N GLY A 146 29.12 -9.12 10.53
CA GLY A 146 28.90 -10.37 11.23
C GLY A 146 27.71 -10.36 12.17
N LYS A 147 26.86 -9.33 12.09
CA LYS A 147 25.71 -9.17 12.95
C LYS A 147 24.46 -9.00 12.11
N PRO A 148 23.29 -9.37 12.64
CA PRO A 148 22.06 -9.25 11.87
C PRO A 148 21.72 -7.81 11.56
N VAL A 149 20.92 -7.62 10.51
CA VAL A 149 20.56 -6.30 10.01
C VAL A 149 19.04 -6.19 9.95
N THR A 150 18.52 -5.04 10.39
CA THR A 150 17.09 -4.76 10.28
C THR A 150 16.77 -4.38 8.85
N LEU A 151 15.83 -5.10 8.24
CA LEU A 151 15.54 -4.91 6.81
C LEU A 151 14.78 -3.64 6.54
N LYS A 152 14.04 -3.10 7.52
CA LYS A 152 13.26 -1.90 7.29
C LYS A 152 14.15 -0.70 6.97
N ASP A 153 15.35 -0.64 7.57
CA ASP A 153 16.24 0.48 7.32
C ASP A 153 16.94 0.37 5.96
N VAL A 154 17.34 -0.84 5.57
CA VAL A 154 17.97 -1.01 4.26
C VAL A 154 16.96 -0.78 3.14
N PHE A 155 15.77 -1.38 3.28
CA PHE A 155 14.73 -1.17 2.28
C PHE A 155 14.16 0.25 2.33
N GLY A 156 14.00 0.80 3.53
CA GLY A 156 13.60 2.19 3.64
C GLY A 156 14.58 3.14 2.98
N ALA A 157 15.89 2.86 3.13
CA ALA A 157 16.89 3.64 2.42
C ALA A 157 16.76 3.44 0.92
N TYR A 158 16.53 2.20 0.47
CA TYR A 158 16.32 1.96 -0.95
C TYR A 158 15.04 2.63 -1.45
N SER A 159 13.95 2.46 -0.70
CA SER A 159 12.67 3.02 -1.14
C SER A 159 12.72 4.54 -1.20
N MET A 160 13.50 5.17 -0.32
CA MET A 160 13.69 6.61 -0.37
C MET A 160 14.49 7.03 -1.60
N ASP A 161 15.54 6.26 -1.93
CA ASP A 161 16.40 6.62 -3.06
C ASP A 161 15.65 6.56 -4.38
N VAL A 162 14.81 5.54 -4.58
CA VAL A 162 14.04 5.45 -5.81
C VAL A 162 12.98 6.55 -5.86
N ILE A 163 12.35 6.85 -4.73
CA ILE A 163 11.28 7.85 -4.72
C ILE A 163 11.82 9.21 -5.14
N THR A 164 12.94 9.62 -4.53
CA THR A 164 13.52 10.92 -4.86
C THR A 164 13.96 10.98 -6.32
N SER A 165 14.58 9.90 -6.81
CA SER A 165 15.05 9.86 -8.19
C SER A 165 13.92 9.71 -9.18
N THR A 166 12.74 9.25 -8.74
CA THR A 166 11.61 9.14 -9.64
C THR A 166 10.69 10.34 -9.55
N SER A 167 10.39 10.81 -8.33
CA SER A 167 9.54 11.98 -8.17
C SER A 167 10.24 13.25 -8.64
N PHE A 168 11.55 13.34 -8.43
CA PHE A 168 12.33 14.51 -8.83
C PHE A 168 13.63 14.03 -9.46
N GLY A 169 14.56 14.96 -9.67
CA GLY A 169 15.88 14.61 -10.15
C GLY A 169 16.91 14.42 -9.05
N VAL A 170 16.46 14.33 -7.80
CA VAL A 170 17.37 14.32 -6.66
C VAL A 170 17.97 12.92 -6.52
N ASN A 171 19.24 12.78 -6.88
CA ASN A 171 19.98 11.55 -6.64
C ASN A 171 20.61 11.61 -5.26
N ILE A 172 20.37 10.59 -4.43
CA ILE A 172 20.81 10.61 -3.04
C ILE A 172 21.11 9.20 -2.57
N ASP A 173 21.94 9.11 -1.54
CA ASP A 173 22.25 7.88 -0.82
C ASP A 173 21.73 8.10 0.61
N SER A 174 20.48 7.71 0.85
CA SER A 174 19.83 8.04 2.11
C SER A 174 20.52 7.39 3.30
N LEU A 175 20.99 6.15 3.14
CA LEU A 175 21.61 5.43 4.26
C LEU A 175 22.92 6.07 4.69
N ASN A 176 23.65 6.69 3.77
CA ASN A 176 24.93 7.32 4.10
C ASN A 176 24.86 8.83 4.18
N ASN A 177 23.81 9.46 3.64
CA ASN A 177 23.67 10.91 3.64
C ASN A 177 22.31 11.31 4.21
N PRO A 178 22.13 11.13 5.55
CA PRO A 178 20.86 11.49 6.18
C PRO A 178 20.80 12.96 6.58
N GLN A 179 21.16 13.85 5.66
CA GLN A 179 21.21 15.28 5.97
C GLN A 179 20.51 16.10 4.90
N ASP A 180 20.46 15.59 3.67
CA ASP A 180 19.83 16.33 2.59
C ASP A 180 18.38 16.64 2.96
N PRO A 181 17.91 17.86 2.69
CA PRO A 181 16.56 18.23 3.15
C PRO A 181 15.47 17.30 2.65
N PHE A 182 15.65 16.68 1.48
CA PHE A 182 14.70 15.69 1.02
C PHE A 182 14.65 14.49 1.96
N VAL A 183 15.82 13.98 2.34
CA VAL A 183 15.87 12.78 3.18
C VAL A 183 15.27 13.06 4.55
N GLU A 184 15.52 14.25 5.10
CA GLU A 184 15.08 14.55 6.46
C GLU A 184 13.56 14.67 6.54
N ASN A 185 12.96 15.48 5.65
CA ASN A 185 11.53 15.71 5.73
C ASN A 185 10.73 14.49 5.28
N THR A 186 11.16 13.83 4.19
CA THR A 186 10.43 12.68 3.67
C THR A 186 10.44 11.50 4.63
N LYS A 187 11.49 11.37 5.44
CA LYS A 187 11.52 10.31 6.44
C LYS A 187 10.45 10.48 7.51
N LYS A 188 9.66 11.56 7.47
CA LYS A 188 8.53 11.77 8.37
C LYS A 188 7.19 11.55 7.67
N LEU A 189 7.17 10.66 6.68
CA LEU A 189 5.94 10.34 5.96
C LEU A 189 5.54 8.90 6.19
N LEU A 190 5.59 8.44 7.43
CA LEU A 190 5.22 7.09 7.78
C LEU A 190 3.72 6.87 7.66
N ARG A 191 3.31 5.61 7.61
CA ARG A 191 1.90 5.26 7.44
C ARG A 191 1.08 5.68 8.66
N PHE A 192 -0.23 5.79 8.45
CA PHE A 192 -1.15 6.30 9.47
C PHE A 192 -1.67 5.15 10.32
N ASP A 193 -1.34 5.18 11.62
CA ASP A 193 -1.89 4.22 12.58
C ASP A 193 -3.29 4.69 12.93
N PHE A 194 -4.28 4.14 12.23
CA PHE A 194 -5.66 4.57 12.42
C PHE A 194 -6.26 4.12 13.75
N LEU A 195 -5.51 3.40 14.59
CA LEU A 195 -5.98 3.01 15.91
C LEU A 195 -5.27 3.74 17.03
N ASP A 196 -4.56 4.83 16.72
CA ASP A 196 -3.87 5.61 17.74
C ASP A 196 -4.86 6.56 18.42
N PRO A 197 -4.45 7.22 19.51
CA PRO A 197 -5.40 8.12 20.20
C PRO A 197 -6.01 9.19 19.31
N PHE A 198 -5.25 9.74 18.36
CA PHE A 198 -5.78 10.81 17.52
C PHE A 198 -6.86 10.28 16.57
N PHE A 199 -6.53 9.25 15.78
CA PHE A 199 -7.47 8.75 14.78
C PHE A 199 -8.66 8.04 15.41
N LEU A 200 -8.45 7.35 16.53
CA LEU A 200 -9.59 6.79 17.25
C LEU A 200 -10.52 7.89 17.76
N SER A 201 -9.96 9.03 18.16
CA SER A 201 -10.79 10.14 18.63
C SER A 201 -11.65 10.70 17.51
N ILE A 202 -11.08 10.91 16.32
CA ILE A 202 -11.82 11.57 15.25
C ILE A 202 -12.83 10.66 14.59
N THR A 203 -12.64 9.34 14.62
CA THR A 203 -13.68 8.44 14.15
C THR A 203 -14.86 8.42 15.11
N VAL A 204 -14.60 8.61 16.39
CA VAL A 204 -15.68 8.75 17.37
C VAL A 204 -16.23 10.17 17.38
N PHE A 205 -15.42 11.15 17.02
CA PHE A 205 -15.83 12.56 16.96
C PHE A 205 -15.58 13.08 15.55
N PRO A 206 -16.35 12.63 14.56
CA PRO A 206 -16.19 13.19 13.22
C PRO A 206 -16.53 14.67 13.16
N PHE A 207 -17.33 15.17 14.10
CA PHE A 207 -17.65 16.59 14.14
C PHE A 207 -16.46 17.45 14.49
N LEU A 208 -15.38 16.87 15.04
CA LEU A 208 -14.18 17.62 15.35
C LEU A 208 -13.27 17.79 14.13
N ILE A 209 -13.50 17.03 13.05
CA ILE A 209 -12.69 17.21 11.83
C ILE A 209 -12.83 18.63 11.27
N PRO A 210 -14.04 19.19 11.09
CA PRO A 210 -14.11 20.58 10.61
C PRO A 210 -13.46 21.57 11.55
N ILE A 211 -13.49 21.32 12.86
CA ILE A 211 -12.80 22.20 13.80
C ILE A 211 -11.29 22.19 13.56
N LEU A 212 -10.71 21.00 13.46
CA LEU A 212 -9.26 20.89 13.28
C LEU A 212 -8.79 21.61 12.02
N GLU A 213 -9.63 21.67 10.99
CA GLU A 213 -9.22 22.31 9.73
C GLU A 213 -9.04 23.82 9.91
N VAL A 214 -9.95 24.48 10.62
CA VAL A 214 -9.88 25.93 10.74
C VAL A 214 -8.71 26.35 11.63
N LEU A 215 -8.20 25.45 12.47
CA LEU A 215 -6.97 25.72 13.21
C LEU A 215 -5.73 25.46 12.37
N ASN A 216 -5.89 25.14 11.08
CA ASN A 216 -4.77 24.77 10.20
C ASN A 216 -3.97 23.61 10.79
N ILE A 217 -4.68 22.66 11.39
CA ILE A 217 -4.06 21.44 11.89
C ILE A 217 -4.19 20.39 10.78
N CYS A 218 -3.09 20.13 10.09
CA CYS A 218 -3.07 19.16 9.01
C CYS A 218 -2.65 17.79 9.53
N VAL A 219 -3.24 16.74 8.97
CA VAL A 219 -2.89 15.38 9.38
C VAL A 219 -1.47 15.05 8.95
N PHE A 220 -0.99 15.67 7.87
CA PHE A 220 0.41 15.57 7.44
C PHE A 220 1.24 16.63 8.17
N PRO A 221 2.46 16.30 8.57
CA PRO A 221 3.33 17.29 9.21
C PRO A 221 3.52 18.51 8.32
N ARG A 222 3.00 19.65 8.77
CA ARG A 222 2.97 20.85 7.95
C ARG A 222 4.37 21.37 7.60
N GLU A 223 5.39 21.06 8.40
CA GLU A 223 6.74 21.48 8.07
C GLU A 223 7.24 20.81 6.81
N VAL A 224 6.95 19.51 6.65
CA VAL A 224 7.36 18.79 5.46
C VAL A 224 6.57 19.28 4.23
N THR A 225 5.28 19.56 4.41
CA THR A 225 4.44 19.99 3.29
C THR A 225 4.93 21.32 2.72
N ASN A 226 5.15 22.30 3.60
CA ASN A 226 5.59 23.61 3.12
C ASN A 226 6.98 23.55 2.52
N PHE A 227 7.86 22.72 3.09
CA PHE A 227 9.18 22.53 2.50
C PHE A 227 9.08 21.92 1.10
N LEU A 228 8.25 20.89 0.95
CA LEU A 228 8.14 20.21 -0.34
C LEU A 228 7.47 21.11 -1.38
N ARG A 229 6.49 21.92 -0.96
CA ARG A 229 5.86 22.85 -1.89
C ARG A 229 6.87 23.86 -2.43
N LYS A 230 7.75 24.35 -1.56
CA LYS A 230 8.77 25.30 -2.00
C LYS A 230 9.77 24.65 -2.95
N SER A 231 10.22 23.42 -2.62
CA SER A 231 11.21 22.75 -3.46
C SER A 231 10.67 22.49 -4.86
N VAL A 232 9.39 22.10 -4.97
CA VAL A 232 8.77 21.92 -6.27
C VAL A 232 8.69 23.26 -6.99
N LYS A 233 8.32 24.33 -6.28
CA LYS A 233 8.24 25.65 -6.89
C LYS A 233 9.60 26.11 -7.38
N ARG A 234 10.67 25.78 -6.66
CA ARG A 234 12.01 26.13 -7.11
C ARG A 234 12.44 25.26 -8.29
N MET A 235 12.16 23.95 -8.22
CA MET A 235 12.60 23.05 -9.28
C MET A 235 11.90 23.34 -10.61
N LYS A 236 10.65 23.81 -10.56
CA LYS A 236 9.95 24.16 -11.80
C LYS A 236 10.69 25.28 -12.53
N GLU A 237 11.15 26.29 -11.78
CA GLU A 237 11.98 27.32 -12.38
C GLU A 237 13.36 26.79 -12.75
N SER A 238 13.91 25.87 -11.95
CA SER A 238 15.24 25.34 -12.19
C SER A 238 15.34 24.56 -13.50
N ARG A 239 14.22 24.05 -14.02
CA ARG A 239 14.19 23.41 -15.32
C ARG A 239 13.45 24.22 -16.37
N LEU A 240 13.00 25.42 -16.02
CA LEU A 240 12.23 26.27 -16.93
C LEU A 240 13.09 26.70 -18.12
N LYS A 245 15.35 17.20 -22.21
CA LYS A 245 15.77 16.20 -21.24
C LYS A 245 14.65 15.88 -20.25
N HIS A 246 13.66 15.11 -20.72
CA HIS A 246 12.52 14.75 -19.87
C HIS A 246 12.97 13.93 -18.66
N ARG A 247 13.90 13.00 -18.86
CA ARG A 247 14.53 12.21 -17.80
C ARG A 247 13.53 11.34 -17.04
N VAL A 248 12.38 11.07 -17.65
CA VAL A 248 11.35 10.20 -17.08
C VAL A 248 11.06 10.59 -15.64
N ASP A 249 10.79 11.86 -15.40
CA ASP A 249 10.63 12.41 -14.06
C ASP A 249 9.14 12.57 -13.75
N PHE A 250 8.70 12.00 -12.62
CA PHE A 250 7.30 12.10 -12.23
C PHE A 250 6.82 13.55 -12.23
N LEU A 251 7.62 14.45 -11.67
CA LEU A 251 7.28 15.87 -11.70
C LEU A 251 7.25 16.41 -13.12
N GLN A 252 8.23 16.03 -13.94
CA GLN A 252 8.28 16.53 -15.31
C GLN A 252 7.07 16.05 -16.10
N LEU A 253 6.68 14.78 -15.95
CA LEU A 253 5.54 14.24 -16.68
C LEU A 253 4.24 14.96 -16.35
N MET A 254 4.17 15.63 -15.19
CA MET A 254 3.05 16.46 -14.86
C MET A 254 3.24 17.91 -15.28
N ILE A 255 4.49 18.32 -15.56
CA ILE A 255 4.75 19.68 -16.03
C ILE A 255 4.53 19.78 -17.52
N ASP A 256 5.04 18.81 -18.29
CA ASP A 256 4.79 18.82 -19.73
C ASP A 256 3.32 18.56 -20.04
N SER A 257 2.67 17.69 -19.26
CA SER A 257 1.23 17.50 -19.42
C SER A 257 0.42 18.70 -18.94
N GLN A 258 1.03 19.58 -18.14
CA GLN A 258 0.37 20.80 -17.70
C GLN A 258 0.15 21.79 -18.84
N ASN A 259 0.81 21.58 -19.97
CA ASN A 259 0.63 22.44 -21.14
C ASN A 259 0.53 21.60 -22.41
N HIS A 266 -10.89 17.21 -20.55
CA HIS A 266 -11.13 17.60 -19.15
C HIS A 266 -10.74 19.06 -18.93
N LYS A 267 -9.73 19.26 -18.08
CA LYS A 267 -9.26 20.58 -17.73
C LYS A 267 -7.75 20.49 -17.47
N ALA A 268 -7.19 21.52 -16.86
CA ALA A 268 -5.75 21.62 -16.65
C ALA A 268 -5.40 21.28 -15.20
N LEU A 269 -4.14 20.86 -15.01
CA LEU A 269 -3.64 20.53 -13.68
C LEU A 269 -2.98 21.77 -13.06
N SER A 270 -3.44 22.14 -11.87
CA SER A 270 -2.94 23.36 -11.24
C SER A 270 -1.57 23.10 -10.60
N ASP A 271 -0.93 24.20 -10.19
CA ASP A 271 0.38 24.10 -9.56
C ASP A 271 0.29 23.48 -8.17
N LEU A 272 -0.69 23.92 -7.37
CA LEU A 272 -0.87 23.28 -6.06
C LEU A 272 -1.40 21.86 -6.22
N GLU A 273 -2.21 21.61 -7.24
CA GLU A 273 -2.62 20.25 -7.52
C GLU A 273 -1.43 19.37 -7.87
N LEU A 274 -0.50 19.89 -8.68
CA LEU A 274 0.70 19.14 -9.03
C LEU A 274 1.54 18.85 -7.78
N VAL A 275 1.66 19.83 -6.88
CA VAL A 275 2.42 19.61 -5.65
C VAL A 275 1.76 18.53 -4.80
N ALA A 276 0.42 18.56 -4.73
CA ALA A 276 -0.29 17.60 -3.90
C ALA A 276 -0.09 16.16 -4.38
N GLN A 277 -0.17 15.94 -5.70
CA GLN A 277 0.01 14.59 -6.23
C GLN A 277 1.42 14.08 -5.98
N SER A 278 2.42 14.95 -6.08
CA SER A 278 3.80 14.53 -5.88
C SER A 278 4.03 14.02 -4.47
N ILE A 279 3.43 14.69 -3.47
CA ILE A 279 3.59 14.26 -2.09
C ILE A 279 2.88 12.93 -1.87
N ILE A 280 1.73 12.73 -2.51
CA ILE A 280 1.01 11.48 -2.33
C ILE A 280 1.81 10.30 -2.90
N PHE A 281 2.55 10.53 -4.00
CA PHE A 281 3.38 9.46 -4.55
C PHE A 281 4.50 9.08 -3.60
N ILE A 282 5.13 10.08 -2.96
CA ILE A 282 6.14 9.81 -1.95
C ILE A 282 5.52 9.07 -0.77
N PHE A 283 4.38 9.56 -0.29
CA PHE A 283 3.69 8.91 0.81
C PHE A 283 3.26 7.50 0.45
N ALA A 284 2.75 7.31 -0.76
CA ALA A 284 2.24 6.01 -1.17
C ALA A 284 3.34 4.96 -1.30
N GLY A 285 4.58 5.36 -1.56
CA GLY A 285 5.58 4.39 -1.93
C GLY A 285 6.81 4.31 -1.07
N TYR A 286 6.80 4.93 0.11
CA TYR A 286 7.99 4.87 0.96
C TYR A 286 7.93 3.72 1.95
N GLU A 287 6.95 3.74 2.87
CA GLU A 287 6.82 2.65 3.83
C GLU A 287 6.21 1.42 3.18
N THR A 288 5.26 1.62 2.27
CA THR A 288 4.59 0.49 1.62
C THR A 288 5.61 -0.39 0.90
N THR A 289 6.46 0.21 0.07
CA THR A 289 7.45 -0.57 -0.66
C THR A 289 8.43 -1.27 0.29
N SER A 290 8.90 -0.55 1.32
CA SER A 290 9.85 -1.15 2.24
C SER A 290 9.20 -2.23 3.08
N SER A 291 7.94 -2.04 3.48
CA SER A 291 7.27 -3.03 4.31
C SER A 291 7.10 -4.36 3.58
N VAL A 292 6.63 -4.29 2.33
CA VAL A 292 6.44 -5.52 1.56
C VAL A 292 7.78 -6.20 1.30
N LEU A 293 8.81 -5.42 0.95
CA LEU A 293 10.13 -6.01 0.74
C LEU A 293 10.65 -6.68 2.01
N SER A 294 10.33 -6.13 3.17
CA SER A 294 10.73 -6.77 4.42
C SER A 294 9.97 -8.07 4.65
N PHE A 295 8.68 -8.07 4.37
CA PHE A 295 7.89 -9.29 4.52
C PHE A 295 8.39 -10.38 3.58
N ILE A 296 8.74 -10.01 2.35
CA ILE A 296 9.19 -10.98 1.35
C ILE A 296 10.47 -11.66 1.82
N MET A 297 11.42 -10.88 2.32
CA MET A 297 12.68 -11.46 2.77
C MET A 297 12.52 -12.33 4.00
N TYR A 298 11.58 -11.99 4.89
CA TYR A 298 11.35 -12.85 6.05
C TYR A 298 10.90 -14.24 5.61
N GLU A 299 9.99 -14.31 4.64
CA GLU A 299 9.49 -15.59 4.18
C GLU A 299 10.52 -16.35 3.35
N LEU A 300 11.47 -15.65 2.73
CA LEU A 300 12.55 -16.32 2.02
C LEU A 300 13.57 -16.94 2.97
N ALA A 301 13.76 -16.33 4.15
CA ALA A 301 14.69 -16.90 5.12
C ALA A 301 14.13 -18.16 5.76
N THR A 302 12.86 -18.10 6.19
CA THR A 302 12.24 -19.26 6.83
C THR A 302 11.90 -20.37 5.85
N HIS A 303 11.93 -20.09 4.54
CA HIS A 303 11.67 -21.09 3.51
C HIS A 303 12.79 -21.04 2.48
N PRO A 304 13.98 -21.52 2.83
CA PRO A 304 15.13 -21.42 1.92
C PRO A 304 14.98 -22.19 0.63
N ASP A 305 14.08 -23.18 0.57
CA ASP A 305 13.83 -23.86 -0.70
C ASP A 305 13.27 -22.88 -1.73
N VAL A 306 12.37 -21.99 -1.30
CA VAL A 306 11.87 -20.96 -2.19
C VAL A 306 13.00 -20.01 -2.60
N GLN A 307 13.83 -19.61 -1.63
CA GLN A 307 14.93 -18.70 -1.93
C GLN A 307 15.93 -19.32 -2.90
N GLN A 308 16.17 -20.63 -2.76
CA GLN A 308 17.08 -21.33 -3.67
C GLN A 308 16.54 -21.33 -5.10
N LYS A 309 15.28 -21.75 -5.28
CA LYS A 309 14.71 -21.79 -6.62
C LYS A 309 14.64 -20.38 -7.22
N LEU A 310 14.28 -19.40 -6.39
CA LEU A 310 14.24 -18.02 -6.88
C LEU A 310 15.64 -17.52 -7.25
N GLN A 311 16.64 -17.85 -6.42
CA GLN A 311 18.01 -17.49 -6.76
C GLN A 311 18.47 -18.21 -8.03
N GLU A 312 17.97 -19.42 -8.25
CA GLU A 312 18.32 -20.14 -9.47
C GLU A 312 17.63 -19.53 -10.69
N GLU A 313 16.38 -19.09 -10.54
CA GLU A 313 15.67 -18.49 -11.67
C GLU A 313 16.28 -17.14 -12.05
N ILE A 314 16.74 -16.38 -11.06
CA ILE A 314 17.39 -15.09 -11.35
C ILE A 314 18.66 -15.31 -12.16
N ASP A 315 19.46 -16.31 -11.79
CA ASP A 315 20.67 -16.61 -12.55
C ASP A 315 20.35 -17.12 -13.95
N ALA A 316 19.25 -17.87 -14.10
CA ALA A 316 18.89 -18.38 -15.42
C ALA A 316 18.52 -17.26 -16.38
N VAL A 317 17.61 -16.38 -15.98
CA VAL A 317 17.19 -15.28 -16.86
C VAL A 317 18.30 -14.25 -17.01
N LEU A 318 19.02 -13.96 -15.94
CA LEU A 318 20.06 -12.93 -15.93
C LEU A 318 21.38 -13.57 -15.48
N PRO A 319 22.10 -14.21 -16.41
CA PRO A 319 23.35 -14.87 -16.04
C PRO A 319 24.46 -13.87 -15.76
N ASN A 320 25.47 -14.34 -15.03
CA ASN A 320 26.67 -13.56 -14.73
C ASN A 320 26.32 -12.27 -13.99
N LYS A 321 25.32 -12.35 -13.11
CA LYS A 321 24.85 -11.19 -12.33
C LYS A 321 24.46 -10.02 -13.24
N ALA A 322 23.73 -10.34 -14.32
CA ALA A 322 23.38 -9.33 -15.30
C ALA A 322 22.38 -8.33 -14.72
N PRO A 323 22.45 -7.06 -15.16
CA PRO A 323 21.47 -6.08 -14.69
C PRO A 323 20.08 -6.44 -15.20
N PRO A 324 19.04 -6.15 -14.43
CA PRO A 324 17.68 -6.49 -14.84
C PRO A 324 17.18 -5.58 -15.95
N THR A 325 16.05 -5.96 -16.54
CA THR A 325 15.44 -5.19 -17.62
C THR A 325 13.93 -5.36 -17.52
N TYR A 326 13.20 -4.36 -18.04
CA TYR A 326 11.74 -4.46 -18.10
C TYR A 326 11.31 -5.76 -18.75
N ASP A 327 11.96 -6.13 -19.86
CA ASP A 327 11.59 -7.36 -20.55
C ASP A 327 11.98 -8.60 -19.76
N THR A 328 13.07 -8.53 -18.98
CA THR A 328 13.51 -9.68 -18.21
C THR A 328 12.74 -9.82 -16.90
N VAL A 329 12.43 -8.70 -16.23
CA VAL A 329 11.69 -8.77 -14.97
C VAL A 329 10.29 -9.35 -15.20
N LEU A 330 9.61 -8.89 -16.27
CA LEU A 330 8.31 -9.44 -16.62
C LEU A 330 8.39 -10.87 -17.15
N GLN A 331 9.59 -11.44 -17.23
CA GLN A 331 9.77 -12.82 -17.66
C GLN A 331 9.94 -13.79 -16.50
N MET A 332 10.56 -13.36 -15.41
CA MET A 332 10.81 -14.24 -14.28
C MET A 332 9.48 -14.64 -13.63
N GLU A 333 9.14 -15.93 -13.70
CA GLU A 333 7.84 -16.39 -13.20
C GLU A 333 7.87 -16.65 -11.70
N TYR A 334 8.95 -17.26 -11.18
CA TYR A 334 8.98 -17.59 -9.77
C TYR A 334 9.06 -16.35 -8.90
N LEU A 335 9.70 -15.28 -9.40
CA LEU A 335 9.71 -14.02 -8.68
C LEU A 335 8.29 -13.46 -8.56
N ASP A 336 7.50 -13.60 -9.62
CA ASP A 336 6.11 -13.18 -9.56
C ASP A 336 5.31 -13.99 -8.56
N MET A 337 5.69 -15.24 -8.32
CA MET A 337 4.97 -16.06 -7.35
C MET A 337 5.28 -15.66 -5.92
N VAL A 338 6.53 -15.28 -5.65
CA VAL A 338 6.93 -14.92 -4.29
C VAL A 338 6.26 -13.62 -3.85
N VAL A 339 6.23 -12.61 -4.73
CA VAL A 339 5.59 -11.35 -4.38
C VAL A 339 4.09 -11.55 -4.19
N ASN A 340 3.45 -12.32 -5.08
CA ASN A 340 2.01 -12.52 -4.98
C ASN A 340 1.62 -13.25 -3.70
N GLU A 341 2.38 -14.30 -3.34
CA GLU A 341 2.03 -15.07 -2.15
C GLU A 341 2.29 -14.26 -0.89
N THR A 342 3.35 -13.45 -0.87
CA THR A 342 3.58 -12.57 0.27
C THR A 342 2.45 -11.55 0.40
N LEU A 343 2.02 -10.97 -0.72
CA LEU A 343 0.92 -10.02 -0.70
C LEU A 343 -0.40 -10.67 -0.30
N ARG A 344 -0.54 -11.98 -0.54
CA ARG A 344 -1.71 -12.69 -0.03
C ARG A 344 -1.67 -12.77 1.49
N LEU A 345 -0.55 -13.22 2.05
CA LEU A 345 -0.45 -13.34 3.50
C LEU A 345 -0.52 -11.97 4.18
N PHE A 346 0.12 -10.96 3.60
CA PHE A 346 0.23 -9.63 4.21
C PHE A 346 -0.20 -8.56 3.23
N PRO A 347 -1.52 -8.43 2.98
CA PRO A 347 -2.02 -7.26 2.24
C PRO A 347 -2.04 -6.04 3.16
N ILE A 348 -1.07 -5.14 2.97
CA ILE A 348 -0.83 -4.06 3.91
C ILE A 348 -1.99 -3.08 4.02
N ALA A 349 -2.92 -3.09 3.07
CA ALA A 349 -4.12 -2.27 3.22
C ALA A 349 -5.11 -2.87 4.21
N MET A 350 -5.23 -4.20 4.24
CA MET A 350 -6.08 -4.95 5.16
C MET A 350 -7.56 -4.83 4.87
N ARG A 351 -7.95 -3.89 4.00
CA ARG A 351 -9.35 -3.49 3.88
C ARG A 351 -9.50 -2.62 2.64
N LEU A 352 -10.67 -2.67 2.03
CA LEU A 352 -11.05 -1.75 0.97
C LEU A 352 -12.38 -1.11 1.33
N GLU A 353 -12.46 0.21 1.20
CA GLU A 353 -13.64 0.96 1.62
C GLU A 353 -14.20 1.79 0.48
N ARG A 354 -15.53 1.83 0.38
CA ARG A 354 -16.24 2.71 -0.55
C ARG A 354 -17.45 3.30 0.17
N VAL A 355 -17.72 4.58 -0.09
CA VAL A 355 -18.87 5.25 0.50
C VAL A 355 -20.05 5.18 -0.47
N CYS A 356 -21.18 4.73 0.04
CA CYS A 356 -22.41 4.62 -0.74
C CYS A 356 -23.07 6.00 -0.80
N LYS A 357 -23.08 6.62 -1.98
CA LYS A 357 -23.54 7.99 -2.14
C LYS A 357 -25.03 8.10 -2.43
N LYS A 358 -25.74 6.98 -2.57
CA LYS A 358 -27.17 7.01 -2.87
C LYS A 358 -27.77 5.66 -2.51
N ASP A 359 -29.10 5.65 -2.35
CA ASP A 359 -29.79 4.39 -2.11
C ASP A 359 -29.63 3.48 -3.31
N VAL A 360 -29.27 2.22 -3.06
CA VAL A 360 -28.97 1.28 -4.14
C VAL A 360 -29.20 -0.12 -3.63
N GLU A 361 -29.57 -1.03 -4.53
CA GLU A 361 -29.70 -2.45 -4.26
C GLU A 361 -28.71 -3.20 -5.14
N ILE A 362 -27.86 -4.01 -4.52
CA ILE A 362 -26.82 -4.75 -5.24
C ILE A 362 -26.94 -6.23 -4.88
N ASN A 363 -27.06 -7.06 -5.91
CA ASN A 363 -27.09 -8.52 -5.77
C ASN A 363 -28.09 -8.95 -4.71
N GLY A 364 -29.28 -8.36 -4.75
CA GLY A 364 -30.31 -8.65 -3.77
C GLY A 364 -29.99 -8.19 -2.36
N MET A 365 -29.46 -6.98 -2.20
CA MET A 365 -29.20 -6.42 -0.88
C MET A 365 -29.34 -4.91 -0.96
N PHE A 366 -29.99 -4.32 0.04
CA PHE A 366 -30.26 -2.89 0.07
C PHE A 366 -29.16 -2.18 0.85
N ILE A 367 -28.51 -1.21 0.23
CA ILE A 367 -27.45 -0.42 0.83
C ILE A 367 -27.95 1.02 0.97
N PRO A 368 -28.26 1.48 2.18
CA PRO A 368 -28.73 2.86 2.35
C PRO A 368 -27.60 3.85 2.13
N LYS A 369 -28.00 5.09 1.81
CA LYS A 369 -27.04 6.16 1.57
C LYS A 369 -26.21 6.43 2.82
N GLY A 370 -24.93 6.73 2.62
CA GLY A 370 -24.04 7.11 3.70
C GLY A 370 -23.31 5.96 4.38
N VAL A 371 -23.63 4.72 4.05
CA VAL A 371 -22.98 3.57 4.65
C VAL A 371 -21.67 3.31 3.94
N VAL A 372 -20.61 3.08 4.72
CA VAL A 372 -19.32 2.69 4.15
C VAL A 372 -19.34 1.19 3.92
N VAL A 373 -19.13 0.77 2.67
CA VAL A 373 -19.03 -0.63 2.32
C VAL A 373 -17.57 -1.05 2.39
N MET A 374 -17.29 -2.12 3.12
CA MET A 374 -15.93 -2.56 3.43
C MET A 374 -15.68 -3.96 2.89
N ILE A 375 -14.50 -4.18 2.33
CA ILE A 375 -14.10 -5.49 1.83
C ILE A 375 -12.88 -5.96 2.60
N PRO A 376 -13.01 -6.98 3.44
CA PRO A 376 -11.90 -7.42 4.31
C PRO A 376 -10.84 -8.22 3.56
N SER A 377 -9.92 -7.48 2.92
CA SER A 377 -8.89 -8.13 2.11
C SER A 377 -8.09 -9.13 2.93
N TYR A 378 -7.67 -8.75 4.15
CA TYR A 378 -6.91 -9.68 4.97
C TYR A 378 -7.74 -10.92 5.32
N ALA A 379 -9.01 -10.74 5.67
CA ALA A 379 -9.84 -11.88 6.04
C ALA A 379 -10.04 -12.83 4.86
N LEU A 380 -10.28 -12.27 3.67
CA LEU A 380 -10.45 -13.11 2.48
C LEU A 380 -9.17 -13.85 2.13
N HIS A 381 -8.01 -13.20 2.27
CA HIS A 381 -6.75 -13.81 1.90
C HIS A 381 -6.38 -15.00 2.78
N ARG A 382 -6.99 -15.12 3.97
CA ARG A 382 -6.72 -16.24 4.87
C ARG A 382 -7.96 -17.09 5.13
N ASP A 383 -8.97 -17.00 4.26
CA ASP A 383 -10.19 -17.78 4.39
C ASP A 383 -9.94 -19.22 3.91
N PRO A 384 -10.13 -20.23 4.76
CA PRO A 384 -9.94 -21.62 4.31
C PRO A 384 -10.85 -22.03 3.15
N LYS A 385 -12.01 -21.41 2.99
CA LYS A 385 -12.94 -21.77 1.93
C LYS A 385 -12.41 -21.44 0.53
N TYR A 386 -11.36 -20.63 0.42
CA TYR A 386 -10.74 -20.34 -0.88
C TYR A 386 -9.27 -20.71 -0.96
N TRP A 387 -8.59 -20.90 0.18
CA TRP A 387 -7.16 -21.20 0.20
C TRP A 387 -6.91 -22.38 1.14
N THR A 388 -6.21 -23.39 0.65
CA THR A 388 -5.86 -24.55 1.46
C THR A 388 -4.54 -24.28 2.17
N GLU A 389 -4.49 -24.62 3.45
CA GLU A 389 -3.35 -24.33 4.31
C GLU A 389 -2.98 -22.84 4.22
N PRO A 390 -3.91 -21.94 4.58
CA PRO A 390 -3.69 -20.51 4.29
C PRO A 390 -2.51 -19.89 5.01
N GLU A 391 -2.14 -20.42 6.18
CA GLU A 391 -1.12 -19.84 7.03
C GLU A 391 0.30 -20.28 6.65
N LYS A 392 0.46 -21.06 5.58
CA LYS A 392 1.69 -21.83 5.38
C LYS A 392 2.69 -21.23 4.41
N PHE A 393 2.32 -20.20 3.65
CA PHE A 393 3.22 -19.57 2.67
C PHE A 393 3.71 -20.60 1.64
N LEU A 394 2.77 -21.05 0.82
CA LEU A 394 3.08 -21.95 -0.29
C LEU A 394 3.04 -21.17 -1.60
N PRO A 395 4.17 -20.67 -2.12
CA PRO A 395 4.13 -19.81 -3.31
C PRO A 395 3.62 -20.48 -4.57
N GLU A 396 3.32 -21.78 -4.49
CA GLU A 396 2.79 -22.50 -5.63
C GLU A 396 1.31 -22.24 -5.87
N ARG A 397 0.63 -21.48 -4.99
CA ARG A 397 -0.77 -21.14 -5.25
C ARG A 397 -0.93 -20.42 -6.57
N PHE A 398 0.09 -19.66 -7.00
CA PHE A 398 0.05 -18.87 -8.21
C PHE A 398 0.89 -19.47 -9.33
N SER A 399 0.98 -20.79 -9.40
CA SER A 399 1.61 -21.42 -10.53
C SER A 399 0.78 -21.19 -11.80
N LYS A 400 1.41 -21.42 -12.95
CA LYS A 400 0.78 -21.09 -14.22
C LYS A 400 -0.57 -21.80 -14.41
N LYS A 401 -0.72 -23.00 -13.84
CA LYS A 401 -1.97 -23.76 -13.97
C LYS A 401 -2.90 -23.60 -12.78
N ASN A 402 -2.43 -23.01 -11.69
CA ASN A 402 -3.26 -22.77 -10.51
C ASN A 402 -3.60 -21.31 -10.32
N LYS A 403 -3.06 -20.41 -11.14
CA LYS A 403 -3.34 -18.99 -11.01
C LYS A 403 -4.66 -18.57 -11.64
N ASP A 404 -5.35 -19.49 -12.32
CA ASP A 404 -6.67 -19.20 -12.88
C ASP A 404 -7.79 -19.54 -11.91
N ASN A 405 -7.57 -20.45 -10.96
CA ASN A 405 -8.58 -20.78 -9.97
C ASN A 405 -8.82 -19.65 -8.98
N ILE A 406 -7.84 -18.76 -8.78
CA ILE A 406 -7.99 -17.70 -7.79
C ILE A 406 -8.95 -16.64 -8.31
N ASP A 407 -9.92 -16.27 -7.48
CA ASP A 407 -10.90 -15.27 -7.86
C ASP A 407 -10.29 -13.88 -7.70
N PRO A 408 -10.24 -13.07 -8.76
CA PRO A 408 -9.60 -11.75 -8.65
C PRO A 408 -10.30 -10.80 -7.67
N TYR A 409 -11.52 -11.11 -7.24
CA TYR A 409 -12.23 -10.28 -6.27
C TYR A 409 -12.14 -10.83 -4.85
N ILE A 410 -11.42 -11.92 -4.65
CA ILE A 410 -11.06 -12.39 -3.34
C ILE A 410 -9.60 -12.06 -3.01
N TYR A 411 -8.73 -12.09 -4.01
CA TYR A 411 -7.35 -11.69 -3.87
C TYR A 411 -7.19 -10.29 -4.47
N THR A 412 -7.21 -9.26 -3.62
CA THR A 412 -7.17 -7.87 -4.07
C THR A 412 -6.10 -7.07 -3.34
N PRO A 413 -4.84 -7.43 -3.52
CA PRO A 413 -3.78 -6.70 -2.81
C PRO A 413 -3.63 -5.26 -3.27
N PHE A 414 -3.99 -4.95 -4.51
CA PHE A 414 -3.93 -3.59 -5.04
C PHE A 414 -5.31 -3.01 -5.32
N GLY A 415 -6.35 -3.59 -4.70
CA GLY A 415 -7.70 -3.18 -4.99
C GLY A 415 -8.16 -3.67 -6.35
N SER A 416 -9.27 -3.09 -6.80
CA SER A 416 -9.83 -3.42 -8.11
C SER A 416 -10.74 -2.28 -8.57
N GLY A 417 -11.04 -2.29 -9.86
CA GLY A 417 -11.90 -1.30 -10.45
C GLY A 417 -11.14 -0.03 -10.81
N PRO A 418 -11.86 0.97 -11.32
CA PRO A 418 -11.19 2.21 -11.75
C PRO A 418 -10.58 3.03 -10.63
N ARG A 419 -10.71 2.61 -9.37
CA ARG A 419 -10.02 3.27 -8.26
C ARG A 419 -9.03 2.33 -7.59
N ASN A 420 -8.49 1.38 -8.35
CA ASN A 420 -7.45 0.50 -7.85
C ASN A 420 -6.17 1.29 -7.68
N CYS A 421 -5.09 0.60 -7.30
CA CYS A 421 -3.80 1.25 -7.15
C CYS A 421 -3.32 1.74 -8.52
N ILE A 422 -3.06 3.05 -8.63
CA ILE A 422 -2.53 3.59 -9.88
C ILE A 422 -1.05 3.31 -10.03
N GLY A 423 -0.37 2.93 -8.95
CA GLY A 423 1.05 2.67 -9.00
C GLY A 423 1.41 1.20 -8.84
N MET A 424 0.47 0.31 -9.16
CA MET A 424 0.71 -1.12 -8.99
C MET A 424 1.90 -1.58 -9.83
N ARG A 425 1.92 -1.20 -11.11
CA ARG A 425 3.01 -1.63 -11.97
C ARG A 425 4.35 -1.07 -11.50
N PHE A 426 4.38 0.20 -11.09
CA PHE A 426 5.61 0.77 -10.56
C PHE A 426 6.05 0.06 -9.30
N ALA A 427 5.12 -0.14 -8.36
CA ALA A 427 5.48 -0.78 -7.10
C ALA A 427 5.97 -2.21 -7.33
N LEU A 428 5.28 -2.98 -8.17
CA LEU A 428 5.72 -4.34 -8.46
C LEU A 428 7.08 -4.34 -9.15
N MET A 429 7.25 -3.46 -10.14
CA MET A 429 8.55 -3.36 -10.81
C MET A 429 9.64 -2.92 -9.82
N ASN A 430 9.34 -1.90 -9.01
CA ASN A 430 10.34 -1.39 -8.09
C ASN A 430 10.76 -2.47 -7.09
N MET A 431 9.79 -3.23 -6.57
CA MET A 431 10.12 -4.28 -5.61
C MET A 431 10.89 -5.42 -6.29
N LYS A 432 10.44 -5.83 -7.48
CA LYS A 432 11.09 -6.93 -8.18
C LYS A 432 12.52 -6.57 -8.59
N LEU A 433 12.73 -5.34 -9.07
CA LEU A 433 14.09 -4.89 -9.38
C LEU A 433 14.98 -4.97 -8.15
N ALA A 434 14.44 -4.61 -6.98
CA ALA A 434 15.22 -4.72 -5.75
C ALA A 434 15.55 -6.16 -5.44
N LEU A 435 14.57 -7.06 -5.58
CA LEU A 435 14.78 -8.46 -5.21
C LEU A 435 15.81 -9.14 -6.13
N ILE A 436 15.78 -8.82 -7.42
CA ILE A 436 16.72 -9.43 -8.37
C ILE A 436 18.15 -9.10 -7.99
N ARG A 437 18.41 -7.82 -7.68
CA ARG A 437 19.78 -7.38 -7.39
C ARG A 437 20.29 -7.95 -6.08
N VAL A 438 19.42 -8.06 -5.06
CA VAL A 438 19.91 -8.42 -3.74
C VAL A 438 20.09 -9.94 -3.59
N LEU A 439 19.24 -10.74 -4.24
CA LEU A 439 19.40 -12.19 -4.18
C LEU A 439 20.50 -12.70 -5.11
N GLN A 440 20.88 -11.93 -6.12
CA GLN A 440 21.95 -12.33 -7.01
C GLN A 440 23.33 -12.08 -6.42
N ASN A 441 23.40 -11.44 -5.25
CA ASN A 441 24.67 -11.22 -4.56
C ASN A 441 24.70 -11.73 -3.13
N PHE A 442 23.55 -11.94 -2.48
CA PHE A 442 23.54 -12.31 -1.07
C PHE A 442 22.56 -13.45 -0.83
N SER A 443 22.71 -14.08 0.33
CA SER A 443 21.74 -15.03 0.85
C SER A 443 21.38 -14.60 2.27
N PHE A 444 20.13 -14.87 2.65
CA PHE A 444 19.57 -14.39 3.91
C PHE A 444 19.25 -15.56 4.81
N LYS A 445 19.83 -15.55 6.01
CA LYS A 445 19.72 -16.64 6.96
C LYS A 445 19.01 -16.19 8.23
N PRO A 446 18.09 -17.00 8.76
CA PRO A 446 17.40 -16.62 10.01
C PRO A 446 18.33 -16.66 11.21
N CYS A 447 18.66 -15.48 11.74
CA CYS A 447 19.53 -15.39 12.91
C CYS A 447 18.73 -15.70 14.17
N LYS A 448 19.38 -15.53 15.33
CA LYS A 448 18.74 -15.81 16.60
C LYS A 448 17.85 -14.66 17.09
N GLU A 449 17.95 -13.49 16.47
CA GLU A 449 17.12 -12.35 16.81
C GLU A 449 15.85 -12.27 15.97
N THR A 450 15.54 -13.32 15.22
CA THR A 450 14.38 -13.35 14.33
C THR A 450 13.24 -14.08 15.01
N GLN A 451 12.05 -13.49 14.94
CA GLN A 451 10.84 -14.11 15.50
C GLN A 451 10.39 -15.24 14.58
N ILE A 452 10.54 -16.48 15.05
CA ILE A 452 10.10 -17.63 14.26
C ILE A 452 8.63 -17.56 13.89
N PRO A 453 7.69 -17.18 14.79
CA PRO A 453 6.29 -17.08 14.36
C PRO A 453 5.94 -15.77 13.68
N LEU A 454 6.71 -14.70 13.92
CA LEU A 454 6.46 -13.38 13.34
C LEU A 454 5.06 -12.87 13.71
N LYS A 455 4.92 -12.57 15.01
CA LYS A 455 3.67 -11.96 15.47
C LYS A 455 3.41 -10.63 14.76
N LEU A 456 2.17 -10.41 14.35
CA LEU A 456 1.78 -9.16 13.71
C LEU A 456 1.38 -8.12 14.75
N SER A 457 1.53 -6.85 14.39
CA SER A 457 1.15 -5.75 15.27
C SER A 457 -0.35 -5.70 15.46
N LEU A 458 -0.77 -5.19 16.61
CA LEU A 458 -2.19 -5.07 16.95
C LEU A 458 -2.77 -3.70 16.61
N GLY A 459 -1.98 -2.79 16.06
CA GLY A 459 -2.45 -1.46 15.73
C GLY A 459 -3.16 -1.40 14.39
N GLY A 460 -3.20 -0.20 13.83
CA GLY A 460 -3.81 0.07 12.55
C GLY A 460 -2.91 -0.14 11.35
N LEU A 461 -1.72 -0.69 11.55
CA LEU A 461 -0.79 -0.97 10.47
C LEU A 461 -0.58 -2.47 10.35
N LEU A 462 -0.42 -2.95 9.12
CA LEU A 462 0.00 -4.33 8.91
C LEU A 462 1.52 -4.34 8.85
N GLN A 463 2.13 -4.33 10.03
CA GLN A 463 3.56 -4.43 10.24
C GLN A 463 3.84 -5.51 11.28
N PRO A 464 5.02 -6.13 11.24
CA PRO A 464 5.37 -7.11 12.28
C PRO A 464 5.52 -6.45 13.64
N GLU A 465 5.26 -7.23 14.68
CA GLU A 465 5.39 -6.72 16.05
C GLU A 465 6.82 -6.23 16.31
N LYS A 466 7.80 -7.13 16.19
CA LYS A 466 9.20 -6.72 16.27
C LYS A 466 9.81 -6.61 14.88
N PRO A 467 10.71 -5.64 14.67
CA PRO A 467 11.33 -5.49 13.35
C PRO A 467 12.09 -6.74 12.93
N VAL A 468 12.03 -7.04 11.63
CA VAL A 468 12.63 -8.26 11.09
C VAL A 468 14.13 -8.05 10.96
N VAL A 469 14.90 -8.85 11.69
CA VAL A 469 16.35 -8.81 11.64
C VAL A 469 16.83 -10.19 11.16
N LEU A 470 17.66 -10.20 10.12
CA LEU A 470 18.13 -11.44 9.52
C LEU A 470 19.63 -11.38 9.27
N LYS A 471 20.25 -12.56 9.27
CA LYS A 471 21.67 -12.67 8.95
C LYS A 471 21.87 -12.65 7.44
N VAL A 472 22.87 -11.90 6.99
CA VAL A 472 23.16 -11.72 5.58
C VAL A 472 24.57 -12.20 5.30
N GLU A 473 24.72 -13.11 4.33
CA GLU A 473 26.01 -13.61 3.89
C GLU A 473 26.18 -13.35 2.41
N SER A 474 27.42 -13.19 1.97
CA SER A 474 27.72 -12.93 0.58
C SER A 474 27.80 -14.23 -0.21
N ARG A 475 27.51 -14.14 -1.51
CA ARG A 475 27.60 -15.30 -2.39
C ARG A 475 28.86 -15.23 -3.27
CHA HEM B . -4.40 3.09 -3.91
CHB HEM B . -1.98 -0.97 -2.61
CHC HEM B . 2.13 1.36 -3.75
CHD HEM B . -0.32 5.03 -5.73
C1A HEM B . -4.10 1.83 -3.43
C2A HEM B . -5.05 0.88 -2.88
C3A HEM B . -4.39 -0.23 -2.52
C4A HEM B . -2.99 -0.03 -2.84
CMA HEM B . -4.97 -1.50 -1.89
CAA HEM B . -6.58 1.10 -2.72
CBA HEM B . -7.32 0.72 -3.98
CGA HEM B . -8.77 0.51 -3.68
O1A HEM B . -9.35 1.36 -2.92
O2A HEM B . -9.43 -0.31 -4.37
C1B HEM B . -0.63 -0.67 -2.75
C2B HEM B . 0.49 -1.51 -2.36
C3B HEM B . 1.63 -0.86 -2.68
C4B HEM B . 1.25 0.41 -3.28
CMB HEM B . 0.37 -2.91 -1.70
CAB HEM B . 3.10 -1.28 -2.48
CBB HEM B . 3.61 -2.51 -2.64
C1C HEM B . 1.83 2.53 -4.41
C2C HEM B . 2.81 3.43 -4.97
C3C HEM B . 2.15 4.46 -5.53
C4C HEM B . 0.74 4.23 -5.33
CMC HEM B . 4.32 3.21 -4.91
CAC HEM B . 2.76 5.68 -6.24
CBC HEM B . 2.29 6.19 -7.38
C1D HEM B . -1.62 4.84 -5.36
C2D HEM B . -2.71 5.76 -5.61
C3D HEM B . -3.84 5.24 -5.11
C4D HEM B . -3.52 3.95 -4.52
CMD HEM B . -2.52 7.11 -6.33
CAD HEM B . -5.24 5.89 -5.15
CBD HEM B . -5.91 5.60 -6.48
CGD HEM B . -7.18 6.41 -6.63
O1D HEM B . -7.70 6.86 -5.57
O2D HEM B . -7.66 6.63 -7.79
NA HEM B . -2.86 1.23 -3.38
NB HEM B . -0.13 0.49 -3.31
NC HEM B . 0.58 3.05 -4.66
ND HEM B . -2.16 3.75 -4.70
FE HEM B . -1.13 2.11 -4.06
C11 A1ASO C . -1.83 8.39 0.43
C12 A1ASO C . -1.24 7.29 -0.22
C13 A1ASO C . -1.68 5.99 0.05
C15 A1ASO C . -0.14 3.94 -0.12
C16 A1ASO C . 0.14 3.03 -1.13
C18 A1ASO C . -1.36 4.45 -1.95
C02 A1ASO C . -4.35 3.76 0.95
C04 A1ASO C . -2.72 5.75 0.96
C05 A1ASO C . -3.29 6.84 1.61
C06 A1ASO C . -2.86 8.16 1.35
C07 A1ASO C . -3.53 9.34 2.07
C20 A1ASO C . -5.81 1.63 0.99
C21 A1ASO C . -7.09 2.10 1.67
C22 A1ASO C . -7.06 2.51 3.01
C23 A1ASO C . -8.23 2.94 3.65
C24 A1ASO C . -9.48 2.95 2.98
C25 A1ASO C . -9.48 2.52 1.64
C27 A1ASO C . -8.33 2.09 0.99
C28 A1ASO C . -3.37 1.61 1.70
C29 A1ASO C . -3.01 1.57 3.06
C31 A1ASO C . -1.89 0.86 3.55
C32 A1ASO C . -1.06 0.18 2.66
C33 A1ASO C . -1.37 0.20 1.28
C34 A1ASO C . -2.50 0.91 0.82
F08 A1ASO C . -4.21 9.02 3.22
F09 A1ASO C . -4.48 10.02 1.38
F10 A1ASO C . -2.68 10.31 2.47
N03 A1ASO C . -3.10 4.39 1.20
N14 A1ASO C . -1.06 4.84 -0.65
N17 A1ASO C . -0.63 3.34 -2.27
N19 A1ASO C . -4.53 2.36 1.21
O01 A1ASO C . -5.27 4.48 0.53
O26 A1ASO C . -10.67 2.49 0.90
CL30 A1ASO C . -3.95 2.38 4.32
#